data_6QE6
#
_entry.id   6QE6
#
_cell.length_a   40.760
_cell.length_b   131.090
_cell.length_c   58.470
_cell.angle_alpha   90.00
_cell.angle_beta   103.88
_cell.angle_gamma   90.00
#
_symmetry.space_group_name_H-M   'P 1 21 1'
#
loop_
_entity.id
_entity.type
_entity.pdbx_description
1 polymer 'tRNA (Adenine(22)-N(1))-methyltransferase'
2 non-polymer S-ADENOSYL-L-HOMOCYSTEINE
3 water water
#
_entity_poly.entity_id   1
_entity_poly.type   'polypeptide(L)'
_entity_poly.pdbx_seq_one_letter_code
;MGSSHHHHHHSSGLVPRGSHMLSFRLNQVAKLINNSTAIADIGTDHAYLPIYLVQNNKTKIAYACDINQKPLNIALKNVE
KFGLTGQIFTILSNGLEFVKNKEILNIDYVTICGLGSQTILEILKNDHQKISNYIICSNTSVKNLRLWAVSHNYLIKYES
FIYEDDHYYWLIEINKNKYSDHLEELEIEFGSKQFFNKNSLYISYLENEISNLTKILNQINPNNIKYLEIQNRINKIRKY
IDVIR
;
_entity_poly.pdbx_strand_id   A,B
#
# COMPACT_ATOMS: atom_id res chain seq x y z
N HIS A 20 -20.14 11.52 -33.48
CA HIS A 20 -19.68 11.62 -32.10
C HIS A 20 -18.32 12.31 -32.00
N MET A 21 -18.12 13.03 -30.89
CA MET A 21 -16.92 13.81 -30.64
C MET A 21 -15.80 13.01 -29.97
N LEU A 22 -16.11 11.83 -29.44
CA LEU A 22 -15.13 10.98 -28.78
C LEU A 22 -14.78 9.79 -29.67
N SER A 23 -13.50 9.43 -29.66
CA SER A 23 -13.06 8.15 -30.21
C SER A 23 -13.60 7.00 -29.35
N PHE A 24 -13.51 5.79 -29.90
CA PHE A 24 -14.01 4.60 -29.20
C PHE A 24 -13.40 4.47 -27.81
N ARG A 25 -12.08 4.66 -27.70
CA ARG A 25 -11.47 4.46 -26.39
C ARG A 25 -11.88 5.55 -25.40
N LEU A 26 -12.10 6.79 -25.89
CA LEU A 26 -12.58 7.85 -24.99
C LEU A 26 -14.01 7.60 -24.56
N ASN A 27 -14.83 7.04 -25.45
CA ASN A 27 -16.17 6.69 -25.02
C ASN A 27 -16.14 5.62 -23.94
N GLN A 28 -15.15 4.73 -23.98
CA GLN A 28 -15.07 3.70 -22.95
C GLN A 28 -14.81 4.32 -21.59
N VAL A 29 -13.94 5.33 -21.53
CA VAL A 29 -13.73 6.08 -20.30
C VAL A 29 -15.03 6.77 -19.84
N ALA A 30 -15.79 7.34 -20.78
CA ALA A 30 -16.97 8.12 -20.40
C ALA A 30 -18.05 7.25 -19.80
N LYS A 31 -18.17 5.98 -20.24
CA LYS A 31 -19.19 5.10 -19.68
C LYS A 31 -18.99 4.87 -18.19
N LEU A 32 -17.76 4.93 -17.70
CA LEU A 32 -17.46 4.67 -16.29
C LEU A 32 -17.75 5.86 -15.38
N ILE A 33 -18.14 7.01 -15.92
CA ILE A 33 -18.23 8.25 -15.15
C ILE A 33 -19.66 8.74 -15.13
N ASN A 34 -20.25 8.81 -13.94
CA ASN A 34 -21.61 9.28 -13.77
C ASN A 34 -21.74 9.96 -12.42
N ASN A 35 -22.68 10.91 -12.33
CA ASN A 35 -23.09 11.49 -11.06
C ASN A 35 -21.91 12.04 -10.28
N SER A 36 -20.97 12.67 -10.99
CA SER A 36 -19.75 13.17 -10.37
C SER A 36 -19.86 14.67 -10.16
N THR A 37 -19.14 15.16 -9.14
CA THR A 37 -19.08 16.60 -8.96
C THR A 37 -17.97 17.21 -9.83
N ALA A 38 -16.74 16.71 -9.69
CA ALA A 38 -15.60 17.29 -10.40
C ALA A 38 -14.70 16.17 -10.90
N ILE A 39 -14.26 16.28 -12.15
CA ILE A 39 -13.27 15.36 -12.71
C ILE A 39 -12.10 16.19 -13.24
N ALA A 40 -10.94 15.54 -13.37
CA ALA A 40 -9.79 16.18 -13.99
C ALA A 40 -9.25 15.30 -15.10
N ASP A 41 -9.16 15.86 -16.31
CA ASP A 41 -8.56 15.16 -17.45
C ASP A 41 -7.11 15.59 -17.55
N ILE A 42 -6.20 14.65 -17.34
CA ILE A 42 -4.78 14.93 -17.44
C ILE A 42 -4.31 14.62 -18.86
N GLY A 43 -3.68 15.61 -19.50
CA GLY A 43 -3.33 15.47 -20.90
C GLY A 43 -4.51 15.63 -21.82
N THR A 44 -5.33 16.64 -21.58
CA THR A 44 -6.66 16.74 -22.17
C THR A 44 -6.64 17.09 -23.66
N ASP A 45 -5.50 17.57 -24.16
CA ASP A 45 -5.36 17.96 -25.55
C ASP A 45 -6.42 18.99 -25.94
N HIS A 46 -7.51 18.58 -26.60
CA HIS A 46 -8.54 19.51 -27.05
C HIS A 46 -9.80 19.46 -26.19
N ALA A 47 -9.74 18.81 -25.02
CA ALA A 47 -10.78 18.90 -23.99
C ALA A 47 -12.12 18.37 -24.46
N TYR A 48 -12.14 17.55 -25.53
CA TYR A 48 -13.38 16.94 -25.98
C TYR A 48 -13.96 15.98 -24.95
N LEU A 49 -13.11 15.30 -24.16
CA LEU A 49 -13.66 14.44 -23.10
C LEU A 49 -14.29 15.27 -21.97
N PRO A 50 -13.63 16.29 -21.40
CA PRO A 50 -14.34 17.15 -20.44
C PRO A 50 -15.61 17.75 -21.01
N ILE A 51 -15.58 18.23 -22.25
CA ILE A 51 -16.77 18.80 -22.87
C ILE A 51 -17.89 17.77 -22.94
N TYR A 52 -17.59 16.58 -23.46
CA TYR A 52 -18.61 15.52 -23.53
C TYR A 52 -19.22 15.24 -22.15
N LEU A 53 -18.35 15.06 -21.14
CA LEU A 53 -18.83 14.70 -19.80
C LEU A 53 -19.73 15.77 -19.20
N VAL A 54 -19.37 17.04 -19.40
CA VAL A 54 -20.22 18.11 -18.90
C VAL A 54 -21.53 18.18 -19.69
N GLN A 55 -21.45 18.07 -21.02
CA GLN A 55 -22.66 18.12 -21.84
C GLN A 55 -23.66 17.03 -21.45
N ASN A 56 -23.19 15.85 -21.05
CA ASN A 56 -24.08 14.76 -20.73
C ASN A 56 -24.34 14.63 -19.22
N ASN A 57 -23.98 15.66 -18.45
CA ASN A 57 -24.30 15.71 -17.02
C ASN A 57 -23.69 14.54 -16.25
N LYS A 58 -22.56 14.02 -16.73
CA LYS A 58 -21.82 13.03 -15.97
C LYS A 58 -20.97 13.69 -14.89
N THR A 59 -20.51 14.91 -15.14
CA THR A 59 -19.81 15.68 -14.13
C THR A 59 -20.39 17.09 -14.14
N LYS A 60 -20.32 17.76 -12.97
CA LYS A 60 -20.80 19.14 -12.87
C LYS A 60 -19.73 20.11 -13.33
N ILE A 61 -18.47 19.86 -12.98
CA ILE A 61 -17.36 20.64 -13.51
C ILE A 61 -16.23 19.73 -13.95
N ALA A 62 -15.31 20.29 -14.74
CA ALA A 62 -14.15 19.54 -15.19
C ALA A 62 -12.92 20.45 -15.18
N TYR A 63 -11.82 19.88 -14.73
CA TYR A 63 -10.50 20.48 -14.92
C TYR A 63 -9.84 19.86 -16.15
N ALA A 64 -9.52 20.69 -17.15
CA ALA A 64 -8.95 20.22 -18.41
C ALA A 64 -7.48 20.62 -18.44
N CYS A 65 -6.61 19.66 -18.15
CA CYS A 65 -5.21 19.92 -17.80
C CYS A 65 -4.27 19.43 -18.89
N ASP A 66 -3.21 20.19 -19.10
CA ASP A 66 -2.17 19.78 -20.02
C ASP A 66 -0.83 20.39 -19.57
N ILE A 67 0.24 19.66 -19.87
CA ILE A 67 1.58 20.18 -19.61
C ILE A 67 1.99 21.22 -20.65
N ASN A 68 1.33 21.25 -21.80
CA ASN A 68 1.67 22.12 -22.91
C ASN A 68 0.58 23.17 -23.10
N GLN A 69 0.97 24.44 -23.14
CA GLN A 69 -0.01 25.51 -23.30
C GLN A 69 -0.64 25.50 -24.69
N LYS A 70 0.11 25.02 -25.69
CA LYS A 70 -0.35 25.10 -27.09
C LYS A 70 -1.71 24.45 -27.29
N PRO A 71 -1.90 23.15 -27.02
CA PRO A 71 -3.25 22.57 -27.19
C PRO A 71 -4.25 23.10 -26.20
N LEU A 72 -3.78 23.59 -25.04
CA LEU A 72 -4.69 24.19 -24.07
C LEU A 72 -5.38 25.42 -24.63
N ASN A 73 -4.74 26.15 -25.55
CA ASN A 73 -5.38 27.29 -26.19
C ASN A 73 -6.56 26.85 -27.06
N ILE A 74 -6.38 25.74 -27.79
CA ILE A 74 -7.47 25.17 -28.57
C ILE A 74 -8.58 24.66 -27.64
N ALA A 75 -8.18 24.06 -26.52
CA ALA A 75 -9.15 23.57 -25.55
C ALA A 75 -10.04 24.70 -25.04
N LEU A 76 -9.45 25.86 -24.75
CA LEU A 76 -10.25 26.95 -24.21
C LEU A 76 -11.23 27.46 -25.25
N LYS A 77 -10.78 27.61 -26.50
CA LYS A 77 -11.68 28.02 -27.57
C LYS A 77 -12.82 27.01 -27.73
N ASN A 78 -12.51 25.71 -27.72
CA ASN A 78 -13.56 24.70 -27.77
C ASN A 78 -14.56 24.86 -26.62
N VAL A 79 -14.06 25.06 -25.40
CA VAL A 79 -14.93 25.29 -24.25
C VAL A 79 -15.82 26.51 -24.48
N GLU A 80 -15.27 27.53 -25.14
CA GLU A 80 -16.03 28.75 -25.40
C GLU A 80 -17.11 28.51 -26.45
N LYS A 81 -16.79 27.74 -27.50
CA LYS A 81 -17.75 27.59 -28.59
C LYS A 81 -18.96 26.75 -28.17
N PHE A 82 -18.86 25.96 -27.10
CA PHE A 82 -20.00 25.21 -26.57
C PHE A 82 -20.65 25.89 -25.38
N GLY A 83 -20.11 27.01 -24.92
CA GLY A 83 -20.71 27.78 -23.84
C GLY A 83 -20.50 27.17 -22.47
N LEU A 84 -19.33 26.59 -22.21
CA LEU A 84 -19.10 25.83 -20.98
C LEU A 84 -18.00 26.44 -20.11
N THR A 85 -17.65 27.71 -20.31
CA THR A 85 -16.53 28.29 -19.56
C THR A 85 -16.81 28.34 -18.06
N GLY A 86 -18.08 28.34 -17.65
CA GLY A 86 -18.40 28.26 -16.24
C GLY A 86 -18.36 26.88 -15.63
N GLN A 87 -18.07 25.85 -16.42
CA GLN A 87 -18.08 24.47 -15.94
C GLN A 87 -16.76 23.77 -16.22
N ILE A 88 -16.03 24.19 -17.25
CA ILE A 88 -14.74 23.57 -17.58
C ILE A 88 -13.65 24.63 -17.48
N PHE A 89 -12.54 24.27 -16.85
CA PHE A 89 -11.45 25.20 -16.53
C PHE A 89 -10.16 24.61 -17.05
N THR A 90 -9.44 25.37 -17.87
CA THR A 90 -8.15 24.88 -18.36
C THR A 90 -7.07 25.12 -17.31
N ILE A 91 -6.22 24.12 -17.12
CA ILE A 91 -5.12 24.17 -16.17
C ILE A 91 -3.84 23.72 -16.87
N LEU A 92 -2.81 24.55 -16.83
CA LEU A 92 -1.49 24.19 -17.33
C LEU A 92 -0.68 23.58 -16.20
N SER A 93 -0.28 22.32 -16.36
CA SER A 93 0.33 21.61 -15.24
C SER A 93 0.99 20.32 -15.72
N ASN A 94 2.10 19.97 -15.08
CA ASN A 94 2.69 18.64 -15.24
C ASN A 94 1.91 17.66 -14.37
N GLY A 95 1.03 16.88 -15.01
CA GLY A 95 0.33 15.83 -14.29
C GLY A 95 -0.52 16.39 -13.16
N LEU A 96 -0.24 15.96 -11.94
CA LEU A 96 -1.10 16.24 -10.80
C LEU A 96 -0.56 17.35 -9.91
N GLU A 97 0.45 18.09 -10.37
CA GLU A 97 1.06 19.11 -9.52
C GLU A 97 0.05 20.19 -9.12
N PHE A 98 -0.93 20.45 -9.98
CA PHE A 98 -1.91 21.49 -9.72
C PHE A 98 -2.85 21.12 -8.56
N VAL A 99 -3.06 19.83 -8.28
CA VAL A 99 -4.07 19.44 -7.31
C VAL A 99 -3.77 19.96 -5.91
N LYS A 100 -2.49 20.23 -5.59
CA LYS A 100 -2.15 20.83 -4.31
C LYS A 100 -2.92 22.13 -4.05
N ASN A 101 -3.18 22.91 -5.10
CA ASN A 101 -3.71 24.27 -4.98
C ASN A 101 -5.05 24.33 -4.25
N LYS A 102 -5.30 25.48 -3.60
CA LYS A 102 -6.39 25.61 -2.63
C LYS A 102 -7.76 25.69 -3.32
N GLU A 103 -7.80 26.17 -4.56
CA GLU A 103 -9.04 26.31 -5.32
C GLU A 103 -9.45 25.04 -6.07
N ILE A 104 -8.57 24.05 -6.19
CA ILE A 104 -8.96 22.76 -6.76
C ILE A 104 -9.80 22.01 -5.74
N LEU A 105 -11.03 21.66 -6.12
CA LEU A 105 -11.91 20.89 -5.24
C LEU A 105 -11.54 19.42 -5.25
N ASN A 106 -12.12 18.68 -4.28
CA ASN A 106 -12.08 17.23 -4.31
C ASN A 106 -12.53 16.70 -5.66
N ILE A 107 -11.80 15.71 -6.17
CA ILE A 107 -11.99 15.22 -7.54
C ILE A 107 -12.49 13.78 -7.46
N ASP A 108 -13.65 13.51 -8.07
CA ASP A 108 -14.19 12.16 -8.10
C ASP A 108 -13.35 11.26 -9.00
N TYR A 109 -12.99 11.73 -10.18
CA TYR A 109 -12.26 10.90 -11.13
C TYR A 109 -11.19 11.73 -11.80
N VAL A 110 -9.95 11.25 -11.74
CA VAL A 110 -8.91 11.73 -12.62
C VAL A 110 -8.81 10.77 -13.78
N THR A 111 -8.89 11.29 -15.01
CA THR A 111 -8.70 10.49 -16.20
C THR A 111 -7.37 10.86 -16.86
N ILE A 112 -6.65 9.83 -17.28
CA ILE A 112 -5.38 9.97 -17.97
C ILE A 112 -5.47 9.06 -19.18
N CYS A 113 -5.53 9.64 -20.37
CA CYS A 113 -5.73 8.86 -21.59
C CYS A 113 -4.70 9.24 -22.63
N GLY A 114 -4.19 8.23 -23.34
CA GLY A 114 -3.29 8.47 -24.44
C GLY A 114 -1.85 8.75 -24.05
N LEU A 115 -1.39 8.21 -22.92
CA LEU A 115 0.01 8.23 -22.54
C LEU A 115 0.48 6.80 -22.28
N GLY A 116 1.80 6.63 -22.21
CA GLY A 116 2.37 5.36 -21.82
C GLY A 116 2.38 5.14 -20.31
N SER A 117 2.46 3.86 -19.93
CA SER A 117 2.42 3.50 -18.52
C SER A 117 3.55 4.14 -17.73
N GLN A 118 4.74 4.20 -18.31
CA GLN A 118 5.87 4.83 -17.63
C GLN A 118 5.55 6.26 -17.27
N THR A 119 5.11 7.06 -18.26
CA THR A 119 4.68 8.44 -18.01
C THR A 119 3.58 8.49 -16.96
N ILE A 120 2.62 7.58 -17.05
CA ILE A 120 1.46 7.60 -16.16
C ILE A 120 1.88 7.29 -14.74
N LEU A 121 2.72 6.27 -14.56
CA LEU A 121 3.19 5.94 -13.22
C LEU A 121 3.91 7.13 -12.58
N GLU A 122 4.72 7.86 -13.35
CA GLU A 122 5.40 9.02 -12.81
C GLU A 122 4.42 10.11 -12.38
N ILE A 123 3.39 10.36 -13.19
CA ILE A 123 2.32 11.27 -12.78
C ILE A 123 1.70 10.82 -11.48
N LEU A 124 1.53 9.51 -11.29
CA LEU A 124 0.89 9.02 -10.08
C LEU A 124 1.71 9.25 -8.82
N LYS A 125 3.01 9.57 -8.94
CA LYS A 125 3.79 9.93 -7.76
C LYS A 125 3.17 11.09 -6.98
N ASN A 126 2.44 11.98 -7.66
CA ASN A 126 1.76 13.10 -7.01
C ASN A 126 0.30 12.81 -6.74
N ASP A 127 -0.06 11.54 -6.53
CA ASP A 127 -1.41 11.23 -6.08
C ASP A 127 -1.71 11.99 -4.80
N HIS A 128 -2.95 12.42 -4.65
CA HIS A 128 -3.33 13.35 -3.60
C HIS A 128 -4.64 12.86 -3.00
N GLN A 129 -4.85 13.21 -1.74
CA GLN A 129 -6.05 12.75 -1.04
C GLN A 129 -7.32 13.40 -1.58
N LYS A 130 -7.20 14.50 -2.33
CA LYS A 130 -8.37 15.06 -3.02
C LYS A 130 -8.95 14.14 -4.09
N ILE A 131 -8.18 13.15 -4.56
CA ILE A 131 -8.57 12.33 -5.70
C ILE A 131 -9.13 11.00 -5.21
N SER A 132 -10.30 10.63 -5.71
CA SER A 132 -10.95 9.39 -5.27
C SER A 132 -10.76 8.21 -6.24
N ASN A 133 -10.67 8.46 -7.55
CA ASN A 133 -10.64 7.38 -8.53
C ASN A 133 -9.81 7.80 -9.72
N TYR A 134 -9.16 6.84 -10.35
CA TYR A 134 -8.49 7.04 -11.61
C TYR A 134 -9.18 6.18 -12.65
N ILE A 135 -9.35 6.75 -13.84
CA ILE A 135 -9.55 5.95 -15.04
C ILE A 135 -8.38 6.23 -15.96
N ILE A 136 -7.60 5.21 -16.27
CA ILE A 136 -6.42 5.34 -17.11
C ILE A 136 -6.63 4.53 -18.38
N CYS A 137 -6.26 5.13 -19.52
CA CYS A 137 -6.25 4.47 -20.82
C CYS A 137 -4.83 4.57 -21.36
N SER A 138 -3.99 3.62 -20.98
CA SER A 138 -2.59 3.60 -21.38
C SER A 138 -2.42 2.96 -22.75
N ASN A 139 -1.43 3.44 -23.50
CA ASN A 139 -1.09 2.83 -24.78
C ASN A 139 0.08 1.87 -24.67
N THR A 140 0.49 1.51 -23.46
CA THR A 140 1.37 0.39 -23.21
C THR A 140 0.77 -0.42 -22.08
N SER A 141 1.14 -1.71 -22.03
CA SER A 141 0.66 -2.60 -21.00
C SER A 141 0.96 -2.03 -19.62
N VAL A 142 0.11 -2.37 -18.65
CA VAL A 142 0.06 -1.59 -17.40
C VAL A 142 0.40 -2.42 -16.18
N LYS A 143 1.32 -3.38 -16.32
CA LYS A 143 1.74 -4.17 -15.17
C LYS A 143 2.25 -3.27 -14.02
N ASN A 144 2.94 -2.19 -14.36
CA ASN A 144 3.45 -1.29 -13.33
C ASN A 144 2.32 -0.49 -12.69
N LEU A 145 1.23 -0.21 -13.41
CA LEU A 145 0.09 0.46 -12.79
C LEU A 145 -0.71 -0.48 -11.88
N ARG A 146 -0.76 -1.78 -12.20
CA ARG A 146 -1.45 -2.71 -11.33
C ARG A 146 -0.66 -2.95 -10.04
N LEU A 147 0.67 -3.02 -10.16
CA LEU A 147 1.53 -3.12 -9.00
C LEU A 147 1.35 -1.92 -8.08
N TRP A 148 1.27 -0.74 -8.68
CA TRP A 148 1.00 0.48 -7.93
C TRP A 148 -0.32 0.37 -7.17
N ALA A 149 -1.39 -0.01 -7.86
CA ALA A 149 -2.68 -0.17 -7.16
C ALA A 149 -2.57 -1.20 -6.05
N VAL A 150 -1.96 -2.34 -6.32
CA VAL A 150 -1.90 -3.41 -5.32
C VAL A 150 -1.07 -2.97 -4.11
N SER A 151 0.12 -2.40 -4.36
CA SER A 151 1.00 -2.05 -3.28
C SER A 151 0.44 -0.93 -2.39
N HIS A 152 -0.50 -0.12 -2.91
CA HIS A 152 -1.20 0.88 -2.11
C HIS A 152 -2.54 0.37 -1.58
N ASN A 153 -2.93 -0.86 -1.94
CA ASN A 153 -4.17 -1.49 -1.50
C ASN A 153 -5.40 -0.75 -2.04
N TYR A 154 -5.32 -0.30 -3.28
CA TYR A 154 -6.45 0.27 -4.00
C TYR A 154 -7.11 -0.81 -4.85
N LEU A 155 -8.43 -0.74 -4.94
CA LEU A 155 -9.18 -1.61 -5.83
C LEU A 155 -8.90 -1.28 -7.29
N ILE A 156 -8.67 -2.33 -8.08
CA ILE A 156 -8.76 -2.23 -9.53
C ILE A 156 -10.21 -2.59 -9.89
N LYS A 157 -11.04 -1.58 -10.08
CA LYS A 157 -12.47 -1.80 -10.25
C LYS A 157 -12.82 -2.36 -11.63
N TYR A 158 -12.07 -1.99 -12.66
CA TYR A 158 -12.42 -2.38 -14.03
C TYR A 158 -11.18 -2.32 -14.90
N GLU A 159 -11.06 -3.31 -15.77
CA GLU A 159 -10.05 -3.33 -16.81
C GLU A 159 -10.70 -3.79 -18.08
N SER A 160 -10.12 -3.37 -19.20
CA SER A 160 -10.49 -3.89 -20.51
C SER A 160 -9.39 -3.57 -21.50
N PHE A 161 -9.48 -4.20 -22.68
CA PHE A 161 -8.42 -4.17 -23.67
C PHE A 161 -9.02 -3.74 -24.99
N ILE A 162 -8.47 -2.69 -25.59
CA ILE A 162 -9.10 -1.96 -26.69
C ILE A 162 -8.16 -1.90 -27.89
N TYR A 163 -8.71 -2.16 -29.08
CA TYR A 163 -8.00 -1.94 -30.33
C TYR A 163 -8.63 -0.73 -31.02
N GLU A 164 -7.82 0.27 -31.36
CA GLU A 164 -8.30 1.37 -32.18
C GLU A 164 -7.16 1.98 -32.99
N ASP A 165 -7.43 2.26 -34.27
CA ASP A 165 -6.52 2.93 -35.19
C ASP A 165 -5.15 2.25 -35.23
N ASP A 166 -5.17 0.93 -35.43
CA ASP A 166 -3.95 0.14 -35.54
C ASP A 166 -3.06 0.29 -34.30
N HIS A 167 -3.69 0.34 -33.12
CA HIS A 167 -3.00 0.48 -31.83
C HIS A 167 -3.82 -0.20 -30.74
N TYR A 168 -3.13 -0.73 -29.74
CA TYR A 168 -3.79 -1.30 -28.59
C TYR A 168 -3.72 -0.37 -27.37
N TYR A 169 -4.69 -0.54 -26.49
CA TYR A 169 -4.86 0.33 -25.34
C TYR A 169 -5.31 -0.49 -24.13
N TRP A 170 -4.83 -0.07 -22.97
CA TRP A 170 -5.06 -0.79 -21.71
C TRP A 170 -5.86 0.14 -20.81
N LEU A 171 -7.11 -0.21 -20.58
CA LEU A 171 -7.95 0.64 -19.74
C LEU A 171 -8.05 0.01 -18.35
N ILE A 172 -7.81 0.82 -17.33
CA ILE A 172 -7.82 0.35 -15.94
C ILE A 172 -8.44 1.44 -15.07
N GLU A 173 -9.37 1.03 -14.21
CA GLU A 173 -10.06 1.93 -13.29
C GLU A 173 -9.66 1.56 -11.86
N ILE A 174 -9.19 2.56 -11.12
CA ILE A 174 -8.67 2.35 -9.78
C ILE A 174 -9.56 3.14 -8.81
N ASN A 175 -10.15 2.43 -7.84
CA ASN A 175 -10.99 3.00 -6.80
C ASN A 175 -10.23 3.00 -5.49
N LYS A 176 -9.77 4.20 -5.07
CA LYS A 176 -8.91 4.31 -3.91
C LYS A 176 -9.64 4.05 -2.59
N ASN A 177 -10.96 4.07 -2.60
CA ASN A 177 -11.72 3.91 -1.38
C ASN A 177 -12.14 2.46 -1.14
N LYS A 178 -11.68 1.53 -1.97
CA LYS A 178 -11.90 0.13 -1.75
C LYS A 178 -10.56 -0.60 -1.78
N TYR A 179 -10.52 -1.73 -1.08
CA TYR A 179 -9.31 -2.52 -0.93
C TYR A 179 -8.94 -3.21 -2.23
N SER A 180 -7.63 -3.35 -2.45
CA SER A 180 -7.15 -4.17 -3.55
C SER A 180 -7.61 -5.61 -3.41
N ASP A 181 -8.09 -6.18 -4.51
CA ASP A 181 -8.26 -7.62 -4.57
C ASP A 181 -6.89 -8.29 -4.47
N HIS A 182 -6.89 -9.54 -3.99
CA HIS A 182 -5.68 -10.31 -3.74
C HIS A 182 -5.21 -10.97 -5.04
N LEU A 183 -4.62 -10.14 -5.91
CA LEU A 183 -4.24 -10.57 -7.25
C LEU A 183 -3.10 -11.59 -7.23
N GLU A 184 -3.28 -12.67 -7.98
CA GLU A 184 -2.18 -13.58 -8.27
C GLU A 184 -1.10 -12.87 -9.08
N GLU A 185 0.11 -13.43 -9.09
CA GLU A 185 1.19 -12.71 -9.75
C GLU A 185 0.99 -12.68 -11.25
N LEU A 186 0.37 -13.71 -11.82
CA LEU A 186 0.05 -13.65 -13.25
C LEU A 186 -0.98 -12.55 -13.54
N GLU A 187 -1.90 -12.31 -12.59
CA GLU A 187 -2.91 -11.27 -12.78
C GLU A 187 -2.28 -9.90 -12.72
N ILE A 188 -1.31 -9.72 -11.81
CA ILE A 188 -0.60 -8.45 -11.76
C ILE A 188 0.06 -8.18 -13.10
N GLU A 189 0.58 -9.23 -13.73
CA GLU A 189 1.31 -9.08 -14.97
C GLU A 189 0.37 -8.73 -16.13
N PHE A 190 -0.75 -9.44 -16.24
CA PHE A 190 -1.54 -9.42 -17.46
C PHE A 190 -2.98 -9.01 -17.29
N GLY A 191 -3.47 -8.84 -16.05
CA GLY A 191 -4.84 -8.42 -15.83
C GLY A 191 -5.67 -9.39 -15.00
N SER A 192 -6.45 -8.88 -14.03
CA SER A 192 -7.38 -9.72 -13.27
C SER A 192 -8.21 -10.59 -14.21
N LYS A 193 -8.21 -11.91 -13.94
CA LYS A 193 -8.96 -12.86 -14.76
C LYS A 193 -10.40 -12.43 -14.98
N GLN A 194 -11.04 -11.96 -13.91
CA GLN A 194 -12.37 -11.38 -13.87
C GLN A 194 -12.71 -10.53 -15.08
N PHE A 195 -11.77 -9.68 -15.52
CA PHE A 195 -12.03 -8.75 -16.61
C PHE A 195 -11.64 -9.31 -17.98
N PHE A 196 -10.88 -10.41 -18.04
CA PHE A 196 -10.40 -10.89 -19.32
C PHE A 196 -10.75 -12.34 -19.66
N ASN A 197 -11.49 -13.05 -18.81
CA ASN A 197 -11.96 -14.40 -19.14
C ASN A 197 -12.63 -14.43 -20.50
N LYS A 198 -12.19 -15.37 -21.36
CA LYS A 198 -12.80 -15.63 -22.65
C LYS A 198 -12.65 -14.47 -23.62
N ASN A 199 -11.62 -13.63 -23.44
CA ASN A 199 -11.46 -12.43 -24.25
C ASN A 199 -10.60 -12.76 -25.47
N SER A 200 -11.24 -13.02 -26.61
CA SER A 200 -10.50 -13.45 -27.80
C SER A 200 -9.61 -12.35 -28.35
N LEU A 201 -9.99 -11.08 -28.20
CA LEU A 201 -9.09 -10.01 -28.66
C LEU A 201 -7.77 -10.05 -27.89
N TYR A 202 -7.85 -10.08 -26.55
CA TYR A 202 -6.64 -10.03 -25.72
C TYR A 202 -5.83 -11.32 -25.84
N ILE A 203 -6.50 -12.46 -25.91
CA ILE A 203 -5.78 -13.71 -26.10
C ILE A 203 -5.03 -13.67 -27.42
N SER A 204 -5.68 -13.18 -28.47
CA SER A 204 -5.03 -13.07 -29.77
C SER A 204 -3.78 -12.22 -29.68
N TYR A 205 -3.88 -11.06 -29.02
CA TYR A 205 -2.72 -10.19 -28.81
C TYR A 205 -1.59 -10.93 -28.08
N LEU A 206 -1.94 -11.74 -27.07
CA LEU A 206 -0.92 -12.40 -26.25
C LEU A 206 -0.24 -13.53 -27.03
N GLU A 207 -0.99 -14.25 -27.85
CA GLU A 207 -0.35 -15.23 -28.73
C GLU A 207 0.58 -14.54 -29.71
N ASN A 208 0.20 -13.35 -30.20
CA ASN A 208 1.12 -12.63 -31.08
C ASN A 208 2.37 -12.17 -30.33
N GLU A 209 2.23 -11.85 -29.04
CA GLU A 209 3.39 -11.55 -28.21
C GLU A 209 4.33 -12.75 -28.11
N ILE A 210 3.77 -13.96 -27.98
CA ILE A 210 4.62 -15.15 -27.94
C ILE A 210 5.39 -15.31 -29.26
N SER A 211 4.73 -15.06 -30.39
CA SER A 211 5.40 -15.16 -31.69
C SER A 211 6.57 -14.19 -31.79
N ASN A 212 6.35 -12.95 -31.37
CA ASN A 212 7.43 -11.99 -31.47
C ASN A 212 8.61 -12.40 -30.58
N LEU A 213 8.32 -12.93 -29.38
CA LEU A 213 9.37 -13.38 -28.47
C LEU A 213 10.12 -14.59 -29.02
N THR A 214 9.40 -15.50 -29.69
CA THR A 214 10.04 -16.66 -30.31
C THR A 214 11.03 -16.24 -31.41
N LYS A 215 10.66 -15.25 -32.23
CA LYS A 215 11.59 -14.70 -33.22
C LYS A 215 12.89 -14.25 -32.57
N ILE A 216 12.80 -13.62 -31.40
CA ILE A 216 13.97 -13.12 -30.70
C ILE A 216 14.80 -14.26 -30.15
N LEU A 217 14.13 -15.31 -29.65
CA LEU A 217 14.85 -16.48 -29.15
C LEU A 217 15.65 -17.16 -30.25
N ASN A 218 15.23 -17.02 -31.53
CA ASN A 218 15.98 -17.59 -32.63
C ASN A 218 17.01 -16.63 -33.20
N GLN A 219 17.41 -15.63 -32.42
CA GLN A 219 18.38 -14.64 -32.87
C GLN A 219 19.47 -14.34 -31.85
N ILE A 220 19.17 -14.36 -30.57
CA ILE A 220 20.14 -14.02 -29.57
C ILE A 220 20.75 -15.31 -29.02
N ASN A 221 21.86 -15.16 -28.32
CA ASN A 221 22.66 -16.25 -27.80
C ASN A 221 21.97 -16.86 -26.57
N PRO A 222 21.82 -18.17 -26.50
CA PRO A 222 21.14 -18.77 -25.33
C PRO A 222 21.86 -18.52 -24.00
N ASN A 223 23.09 -18.03 -24.01
CA ASN A 223 23.80 -17.69 -22.79
C ASN A 223 23.59 -16.24 -22.36
N ASN A 224 22.98 -15.42 -23.21
CA ASN A 224 22.55 -14.09 -22.78
C ASN A 224 21.46 -14.25 -21.74
N ILE A 225 21.50 -13.42 -20.69
CA ILE A 225 20.47 -13.47 -19.67
C ILE A 225 19.10 -13.10 -20.25
N LYS A 226 19.05 -12.34 -21.35
CA LYS A 226 17.77 -11.97 -21.95
C LYS A 226 17.04 -13.19 -22.50
N TYR A 227 17.78 -14.19 -23.00
CA TYR A 227 17.18 -15.43 -23.49
C TYR A 227 16.38 -16.10 -22.39
N LEU A 228 16.98 -16.22 -21.21
CA LEU A 228 16.28 -16.83 -20.07
C LEU A 228 15.03 -16.03 -19.73
N GLU A 229 15.17 -14.71 -19.64
CA GLU A 229 14.04 -13.84 -19.30
C GLU A 229 12.93 -13.92 -20.34
N ILE A 230 13.30 -13.95 -21.62
CA ILE A 230 12.32 -14.04 -22.70
C ILE A 230 11.64 -15.40 -22.70
N GLN A 231 12.42 -16.47 -22.48
CA GLN A 231 11.86 -17.81 -22.33
C GLN A 231 10.84 -17.86 -21.19
N ASN A 232 11.11 -17.13 -20.10
CA ASN A 232 10.19 -17.12 -18.97
C ASN A 232 8.96 -16.27 -19.25
N ARG A 233 9.15 -15.13 -19.90
CA ARG A 233 8.00 -14.33 -20.33
C ARG A 233 7.02 -15.18 -21.13
N ILE A 234 7.51 -15.93 -22.13
CA ILE A 234 6.64 -16.75 -22.96
C ILE A 234 5.84 -17.73 -22.12
N ASN A 235 6.51 -18.43 -21.20
CA ASN A 235 5.81 -19.40 -20.35
C ASN A 235 4.81 -18.73 -19.44
N LYS A 236 5.11 -17.53 -18.94
CA LYS A 236 4.14 -16.82 -18.13
C LYS A 236 2.89 -16.50 -18.95
N ILE A 237 3.09 -16.03 -20.18
CA ILE A 237 1.96 -15.70 -21.06
C ILE A 237 1.13 -16.94 -21.32
N ARG A 238 1.79 -18.04 -21.66
CA ARG A 238 1.07 -19.27 -21.97
C ARG A 238 0.26 -19.74 -20.78
N LYS A 239 0.83 -19.64 -19.57
CA LYS A 239 0.05 -19.97 -18.39
C LYS A 239 -1.18 -19.07 -18.29
N TYR A 240 -0.97 -17.75 -18.40
CA TYR A 240 -2.09 -16.83 -18.25
C TYR A 240 -3.13 -17.06 -19.34
N ILE A 241 -2.69 -17.26 -20.59
CA ILE A 241 -3.64 -17.61 -21.65
C ILE A 241 -4.47 -18.81 -21.22
N ASP A 242 -3.83 -19.83 -20.66
CA ASP A 242 -4.55 -21.06 -20.32
C ASP A 242 -5.62 -20.81 -19.27
N VAL A 243 -5.38 -19.85 -18.37
CA VAL A 243 -6.34 -19.58 -17.31
C VAL A 243 -7.57 -18.85 -17.84
N ILE A 244 -7.41 -17.90 -18.75
CA ILE A 244 -8.54 -17.10 -19.22
C ILE A 244 -9.21 -17.66 -20.46
N ARG A 245 -8.62 -18.70 -21.06
CA ARG A 245 -9.00 -19.26 -22.38
C ARG A 245 -10.47 -19.63 -22.52
N HIS B 20 13.80 -18.82 33.44
CA HIS B 20 13.69 -18.32 32.07
C HIS B 20 14.26 -16.90 31.94
N MET B 21 14.90 -16.64 30.80
CA MET B 21 15.73 -15.45 30.61
C MET B 21 14.96 -14.25 30.05
N LEU B 22 13.76 -14.46 29.52
CA LEU B 22 12.99 -13.38 28.92
C LEU B 22 11.78 -13.04 29.79
N SER B 23 11.27 -11.83 29.58
CA SER B 23 10.01 -11.42 30.17
C SER B 23 8.84 -12.13 29.50
N PHE B 24 7.63 -11.83 29.95
CA PHE B 24 6.48 -12.39 29.24
C PHE B 24 6.35 -11.78 27.84
N ARG B 25 6.48 -10.45 27.71
CA ARG B 25 6.39 -9.82 26.39
C ARG B 25 7.42 -10.42 25.45
N LEU B 26 8.69 -10.36 25.85
CA LEU B 26 9.78 -10.80 25.00
C LEU B 26 9.62 -12.26 24.64
N ASN B 27 9.11 -13.06 25.57
CA ASN B 27 8.87 -14.46 25.29
C ASN B 27 7.82 -14.64 24.20
N GLN B 28 6.70 -13.89 24.26
CA GLN B 28 5.68 -14.01 23.22
C GLN B 28 6.23 -13.59 21.85
N VAL B 29 7.22 -12.69 21.83
CA VAL B 29 7.87 -12.31 20.59
C VAL B 29 8.70 -13.48 20.04
N ALA B 30 9.40 -14.19 20.92
CA ALA B 30 10.27 -15.28 20.49
C ALA B 30 9.46 -16.48 20.02
N LYS B 31 8.29 -16.71 20.59
CA LYS B 31 7.49 -17.86 20.18
C LYS B 31 7.16 -17.80 18.69
N LEU B 32 7.04 -16.59 18.13
CA LEU B 32 6.66 -16.41 16.72
C LEU B 32 7.83 -16.57 15.76
N ILE B 33 9.06 -16.69 16.25
CA ILE B 33 10.25 -16.78 15.42
C ILE B 33 10.77 -18.22 15.47
N ASN B 34 10.78 -18.89 14.32
CA ASN B 34 11.35 -20.23 14.22
C ASN B 34 12.01 -20.39 12.84
N ASN B 35 13.04 -21.24 12.79
CA ASN B 35 13.66 -21.67 11.52
C ASN B 35 14.16 -20.50 10.68
N SER B 36 14.68 -19.46 11.31
CA SER B 36 15.08 -18.25 10.59
C SER B 36 16.59 -18.18 10.38
N THR B 37 16.98 -17.40 9.39
CA THR B 37 18.39 -17.24 9.05
C THR B 37 18.99 -16.06 9.79
N ALA B 38 18.44 -14.88 9.58
CA ALA B 38 18.86 -13.67 10.28
C ALA B 38 17.65 -12.92 10.80
N ILE B 39 17.86 -12.24 11.92
CA ILE B 39 16.87 -11.34 12.49
C ILE B 39 17.61 -10.10 12.98
N ALA B 40 16.89 -9.00 13.11
CA ALA B 40 17.46 -7.79 13.71
C ALA B 40 16.56 -7.34 14.84
N ASP B 41 17.15 -7.09 16.00
CA ASP B 41 16.43 -6.56 17.16
C ASP B 41 16.74 -5.08 17.29
N ILE B 42 15.73 -4.23 17.05
CA ILE B 42 15.90 -2.78 17.11
C ILE B 42 15.59 -2.30 18.53
N GLY B 43 16.53 -1.54 19.10
CA GLY B 43 16.48 -1.23 20.52
C GLY B 43 16.68 -2.49 21.33
N THR B 44 17.84 -3.12 21.17
CA THR B 44 18.06 -4.45 21.72
C THR B 44 18.43 -4.43 23.19
N ASP B 45 18.88 -3.28 23.70
CA ASP B 45 19.25 -3.13 25.11
C ASP B 45 20.34 -4.11 25.53
N HIS B 46 19.97 -5.11 26.33
CA HIS B 46 20.95 -6.10 26.78
C HIS B 46 21.06 -7.29 25.84
N ALA B 47 20.33 -7.27 24.72
CA ALA B 47 20.38 -8.30 23.67
C ALA B 47 19.93 -9.66 24.17
N TYR B 48 19.14 -9.71 25.25
CA TYR B 48 18.74 -10.99 25.79
C TYR B 48 17.83 -11.73 24.83
N LEU B 49 17.08 -11.00 23.98
CA LEU B 49 16.21 -11.67 23.01
C LEU B 49 17.01 -12.28 21.87
N PRO B 50 17.95 -11.58 21.22
CA PRO B 50 18.85 -12.28 20.27
C PRO B 50 19.52 -13.52 20.86
N ILE B 51 20.12 -13.41 22.06
CA ILE B 51 20.74 -14.56 22.72
C ILE B 51 19.77 -15.73 22.80
N TYR B 52 18.57 -15.49 23.34
CA TYR B 52 17.60 -16.57 23.46
C TYR B 52 17.30 -17.19 22.11
N LEU B 53 17.05 -16.34 21.11
CA LEU B 53 16.71 -16.84 19.78
C LEU B 53 17.85 -17.67 19.18
N VAL B 54 19.09 -17.27 19.45
CA VAL B 54 20.23 -18.02 18.91
C VAL B 54 20.41 -19.33 19.67
N GLN B 55 20.39 -19.27 21.00
CA GLN B 55 20.55 -20.46 21.82
C GLN B 55 19.46 -21.50 21.58
N ASN B 56 18.31 -21.10 21.06
CA ASN B 56 17.22 -22.03 20.84
C ASN B 56 17.06 -22.40 19.37
N ASN B 57 18.07 -22.14 18.54
CA ASN B 57 18.07 -22.49 17.12
C ASN B 57 16.89 -21.87 16.38
N LYS B 58 16.36 -20.74 16.87
CA LYS B 58 15.25 -20.09 16.15
C LYS B 58 15.77 -19.19 15.05
N THR B 59 16.99 -18.68 15.21
CA THR B 59 17.68 -17.93 14.17
C THR B 59 19.13 -18.38 14.14
N LYS B 60 19.77 -18.19 12.97
CA LYS B 60 21.18 -18.54 12.82
C LYS B 60 22.08 -17.37 13.19
N ILE B 61 21.73 -16.14 12.80
CA ILE B 61 22.43 -14.96 13.29
C ILE B 61 21.42 -13.88 13.68
N ALA B 62 21.92 -12.88 14.40
CA ALA B 62 21.09 -11.77 14.82
C ALA B 62 21.92 -10.50 14.84
N TYR B 63 21.36 -9.42 14.28
CA TYR B 63 21.93 -8.09 14.44
C TYR B 63 21.29 -7.42 15.65
N ALA B 64 22.09 -7.08 16.64
CA ALA B 64 21.61 -6.49 17.88
C ALA B 64 21.87 -4.99 17.78
N CYS B 65 20.81 -4.23 17.47
CA CYS B 65 20.94 -2.83 17.15
C CYS B 65 20.44 -1.92 18.27
N ASP B 66 21.11 -0.78 18.40
CA ASP B 66 20.65 0.28 19.26
C ASP B 66 21.20 1.60 18.73
N ILE B 67 20.59 2.70 19.19
CA ILE B 67 21.03 4.02 18.77
C ILE B 67 22.08 4.60 19.72
N ASN B 68 22.16 4.11 20.96
CA ASN B 68 23.11 4.58 21.95
C ASN B 68 24.17 3.51 22.20
N GLN B 69 25.42 3.96 22.37
CA GLN B 69 26.53 3.02 22.50
C GLN B 69 26.52 2.31 23.85
N LYS B 70 26.18 3.03 24.91
CA LYS B 70 26.29 2.43 26.24
C LYS B 70 25.48 1.13 26.36
N PRO B 71 24.21 1.06 25.96
CA PRO B 71 23.53 -0.25 26.01
C PRO B 71 24.17 -1.27 25.07
N LEU B 72 24.82 -0.82 24.00
CA LEU B 72 25.47 -1.73 23.06
C LEU B 72 26.69 -2.39 23.67
N ASN B 73 27.34 -1.73 24.63
CA ASN B 73 28.54 -2.32 25.24
C ASN B 73 28.18 -3.39 26.26
N ILE B 74 27.08 -3.23 27.00
CA ILE B 74 26.63 -4.35 27.81
C ILE B 74 26.19 -5.51 26.93
N ALA B 75 25.55 -5.18 25.80
CA ALA B 75 25.06 -6.23 24.89
C ALA B 75 26.20 -7.07 24.35
N LEU B 76 27.28 -6.42 23.91
CA LEU B 76 28.45 -7.15 23.44
C LEU B 76 29.00 -8.04 24.54
N LYS B 77 29.13 -7.50 25.76
CA LYS B 77 29.66 -8.31 26.85
C LYS B 77 28.73 -9.48 27.17
N ASN B 78 27.42 -9.28 27.04
CA ASN B 78 26.51 -10.40 27.20
C ASN B 78 26.74 -11.47 26.15
N VAL B 79 27.04 -11.06 24.91
CA VAL B 79 27.24 -12.02 23.81
C VAL B 79 28.44 -12.90 24.07
N GLU B 80 29.52 -12.30 24.58
CA GLU B 80 30.72 -13.08 24.92
C GLU B 80 30.45 -14.00 26.11
N LYS B 81 29.88 -13.46 27.20
CA LYS B 81 29.59 -14.27 28.38
C LYS B 81 28.85 -15.57 28.05
N PHE B 82 28.22 -15.66 26.88
CA PHE B 82 27.53 -16.86 26.44
C PHE B 82 28.19 -17.51 25.23
N GLY B 83 29.29 -16.95 24.74
CA GLY B 83 30.07 -17.54 23.67
C GLY B 83 29.37 -17.52 22.34
N LEU B 84 28.93 -16.32 21.89
CA LEU B 84 28.07 -16.23 20.71
C LEU B 84 28.47 -15.11 19.76
N THR B 85 29.70 -14.60 19.82
CA THR B 85 30.10 -13.49 18.95
C THR B 85 30.15 -13.88 17.48
N GLY B 86 30.19 -15.17 17.16
CA GLY B 86 30.16 -15.58 15.76
C GLY B 86 28.79 -15.52 15.12
N GLN B 87 27.74 -15.36 15.95
CA GLN B 87 26.36 -15.37 15.51
C GLN B 87 25.60 -14.11 15.82
N ILE B 88 26.05 -13.27 16.75
CA ILE B 88 25.32 -12.08 17.14
C ILE B 88 26.23 -10.87 17.01
N PHE B 89 25.81 -9.89 16.22
CA PHE B 89 26.65 -8.76 15.87
C PHE B 89 26.00 -7.45 16.32
N THR B 90 26.70 -6.70 17.17
CA THR B 90 26.17 -5.46 17.71
C THR B 90 26.40 -4.33 16.73
N ILE B 91 25.35 -3.54 16.48
CA ILE B 91 25.36 -2.48 15.49
C ILE B 91 24.79 -1.22 16.12
N LEU B 92 25.51 -0.11 15.97
CA LEU B 92 25.03 1.21 16.36
C LEU B 92 24.37 1.85 15.14
N SER B 93 23.06 2.12 15.22
CA SER B 93 22.34 2.66 14.09
C SER B 93 21.04 3.29 14.57
N ASN B 94 20.54 4.22 13.75
CA ASN B 94 19.23 4.84 13.94
C ASN B 94 18.20 3.97 13.23
N GLY B 95 17.45 3.19 14.02
CA GLY B 95 16.42 2.34 13.48
C GLY B 95 16.94 1.30 12.49
N LEU B 96 16.60 1.49 11.21
CA LEU B 96 16.92 0.55 10.16
C LEU B 96 17.83 1.16 9.10
N GLU B 97 18.55 2.23 9.44
CA GLU B 97 19.42 2.84 8.44
C GLU B 97 20.58 1.91 8.08
N PHE B 98 21.01 1.05 9.01
CA PHE B 98 22.09 0.12 8.73
C PHE B 98 21.70 -0.92 7.69
N VAL B 99 20.41 -1.15 7.46
CA VAL B 99 20.00 -2.25 6.60
C VAL B 99 20.45 -2.04 5.14
N LYS B 100 20.72 -0.80 4.73
CA LYS B 100 21.26 -0.58 3.38
C LYS B 100 22.58 -1.34 3.18
N ASN B 101 23.39 -1.42 4.22
CA ASN B 101 24.80 -1.76 4.06
C ASN B 101 24.98 -3.14 3.42
N LYS B 102 25.83 -3.18 2.38
CA LYS B 102 26.14 -4.36 1.58
C LYS B 102 26.25 -5.65 2.40
N GLU B 103 26.82 -5.54 3.60
CA GLU B 103 27.16 -6.73 4.37
C GLU B 103 26.03 -7.21 5.27
N ILE B 104 24.85 -6.59 5.17
CA ILE B 104 23.68 -7.03 5.93
C ILE B 104 22.93 -8.02 5.06
N LEU B 105 22.69 -9.23 5.60
CA LEU B 105 21.96 -10.26 4.89
C LEU B 105 20.48 -9.88 4.76
N ASN B 106 19.74 -10.67 3.98
CA ASN B 106 18.28 -10.60 4.06
C ASN B 106 17.83 -11.01 5.46
N ILE B 107 16.82 -10.30 5.97
CA ILE B 107 16.37 -10.46 7.36
C ILE B 107 14.96 -11.01 7.33
N ASP B 108 14.74 -12.14 8.00
CA ASP B 108 13.41 -12.72 8.03
C ASP B 108 12.49 -11.97 8.99
N TYR B 109 13.02 -11.49 10.11
CA TYR B 109 12.23 -10.81 11.13
C TYR B 109 13.02 -9.65 11.70
N VAL B 110 12.42 -8.47 11.69
CA VAL B 110 12.89 -7.35 12.50
C VAL B 110 11.97 -7.28 13.71
N THR B 111 12.53 -7.37 14.91
CA THR B 111 11.76 -7.15 16.12
C THR B 111 12.06 -5.77 16.68
N ILE B 112 10.99 -5.09 17.11
CA ILE B 112 11.07 -3.77 17.73
C ILE B 112 10.18 -3.85 18.97
N CYS B 113 10.80 -3.81 20.15
CA CYS B 113 10.09 -4.01 21.40
C CYS B 113 10.46 -2.91 22.39
N GLY B 114 9.51 -2.58 23.26
CA GLY B 114 9.71 -1.57 24.29
C GLY B 114 9.81 -0.14 23.79
N LEU B 115 9.03 0.21 22.76
CA LEU B 115 8.98 1.57 22.22
C LEU B 115 7.53 1.94 21.95
N GLY B 116 7.28 3.24 21.80
CA GLY B 116 5.94 3.69 21.45
C GLY B 116 5.65 3.56 19.97
N SER B 117 4.36 3.42 19.66
CA SER B 117 3.91 3.34 18.27
C SER B 117 4.42 4.52 17.44
N GLN B 118 4.43 5.72 18.01
CA GLN B 118 4.91 6.89 17.29
C GLN B 118 6.37 6.70 16.88
N THR B 119 7.21 6.24 17.83
CA THR B 119 8.62 6.00 17.52
C THR B 119 8.78 4.82 16.57
N ILE B 120 7.98 3.78 16.74
CA ILE B 120 8.08 2.61 15.88
C ILE B 120 7.75 2.99 14.45
N LEU B 121 6.64 3.73 14.26
CA LEU B 121 6.22 4.10 12.92
C LEU B 121 7.26 4.94 12.21
N GLU B 122 7.83 5.94 12.90
CA GLU B 122 8.90 6.73 12.31
C GLU B 122 10.07 5.84 11.89
N ILE B 123 10.46 4.90 12.75
CA ILE B 123 11.51 3.94 12.40
C ILE B 123 11.17 3.22 11.08
N LEU B 124 9.89 2.89 10.87
CA LEU B 124 9.44 2.14 9.70
C LEU B 124 9.47 2.94 8.42
N LYS B 125 9.88 4.21 8.45
CA LYS B 125 9.99 4.87 7.17
C LYS B 125 11.20 4.35 6.41
N ASN B 126 12.16 3.76 7.11
CA ASN B 126 13.30 3.14 6.47
C ASN B 126 13.11 1.66 6.24
N ASP B 127 11.85 1.22 6.11
CA ASP B 127 11.60 -0.17 5.74
C ASP B 127 12.27 -0.50 4.41
N HIS B 128 12.75 -1.73 4.29
CA HIS B 128 13.66 -2.11 3.22
C HIS B 128 13.29 -3.47 2.62
N GLN B 129 13.68 -3.67 1.37
CA GLN B 129 13.35 -4.90 0.66
C GLN B 129 14.01 -6.13 1.30
N LYS B 130 15.16 -5.93 1.94
CA LYS B 130 15.85 -7.00 2.66
C LYS B 130 15.05 -7.58 3.82
N ILE B 131 13.94 -6.97 4.22
CA ILE B 131 13.20 -7.31 5.44
C ILE B 131 11.90 -7.98 5.03
N SER B 132 11.62 -9.15 5.59
CA SER B 132 10.42 -9.90 5.22
C SER B 132 9.26 -9.70 6.18
N ASN B 133 9.56 -9.63 7.49
CA ASN B 133 8.52 -9.57 8.51
C ASN B 133 8.93 -8.59 9.60
N TYR B 134 7.93 -8.08 10.30
CA TYR B 134 8.14 -7.32 11.52
C TYR B 134 7.38 -7.98 12.66
N ILE B 135 8.00 -7.98 13.84
CA ILE B 135 7.29 -8.31 15.08
C ILE B 135 7.47 -7.14 16.03
N ILE B 136 6.37 -6.42 16.29
CA ILE B 136 6.37 -5.21 17.10
C ILE B 136 5.73 -5.51 18.45
N CYS B 137 6.40 -5.07 19.51
CA CYS B 137 5.83 -5.07 20.86
C CYS B 137 5.87 -3.62 21.33
N SER B 138 4.73 -2.95 21.29
CA SER B 138 4.64 -1.50 21.48
C SER B 138 4.12 -1.15 22.87
N ASN B 139 4.67 -0.06 23.45
CA ASN B 139 4.16 0.47 24.73
C ASN B 139 2.77 1.07 24.58
N THR B 140 2.39 1.53 23.40
CA THR B 140 1.12 2.22 23.17
C THR B 140 0.31 1.47 22.12
N SER B 141 -0.97 1.83 22.00
CA SER B 141 -1.84 1.16 21.04
C SER B 141 -1.38 1.41 19.60
N VAL B 142 -1.82 0.52 18.69
CA VAL B 142 -1.15 0.40 17.40
C VAL B 142 -2.06 0.61 16.18
N LYS B 143 -3.01 1.54 16.28
CA LYS B 143 -3.85 1.85 15.10
C LYS B 143 -3.02 2.45 13.98
N ASN B 144 -2.09 3.35 14.31
CA ASN B 144 -1.19 3.88 13.29
C ASN B 144 -0.43 2.76 12.58
N LEU B 145 -0.04 1.71 13.31
CA LEU B 145 0.73 0.63 12.69
C LEU B 145 -0.16 -0.27 11.85
N ARG B 146 -1.39 -0.52 12.32
CA ARG B 146 -2.32 -1.29 11.50
C ARG B 146 -2.64 -0.55 10.20
N LEU B 147 -2.69 0.77 10.27
CA LEU B 147 -2.91 1.60 9.09
C LEU B 147 -1.71 1.50 8.14
N TRP B 148 -0.50 1.57 8.70
CA TRP B 148 0.70 1.36 7.90
C TRP B 148 0.63 0.05 7.14
N ALA B 149 0.34 -1.05 7.85
CA ALA B 149 0.30 -2.35 7.19
C ALA B 149 -0.81 -2.41 6.15
N VAL B 150 -1.98 -1.88 6.48
CA VAL B 150 -3.09 -1.88 5.52
C VAL B 150 -2.71 -1.04 4.29
N SER B 151 -2.20 0.16 4.53
CA SER B 151 -1.95 1.03 3.39
C SER B 151 -0.85 0.49 2.48
N HIS B 152 -0.04 -0.45 2.96
CA HIS B 152 0.99 -1.12 2.17
C HIS B 152 0.57 -2.52 1.71
N ASN B 153 -0.65 -2.95 2.01
CA ASN B 153 -1.12 -4.30 1.69
C ASN B 153 -0.20 -5.38 2.26
N TYR B 154 0.22 -5.21 3.52
CA TYR B 154 0.98 -6.21 4.26
C TYR B 154 0.03 -6.94 5.21
N LEU B 155 0.21 -8.26 5.32
CA LEU B 155 -0.65 -9.03 6.18
C LEU B 155 -0.26 -8.81 7.64
N ILE B 156 -1.25 -8.48 8.46
CA ILE B 156 -1.11 -8.58 9.91
C ILE B 156 -1.35 -10.06 10.24
N LYS B 157 -0.27 -10.78 10.51
CA LYS B 157 -0.35 -12.22 10.75
C LYS B 157 -0.85 -12.55 12.15
N TYR B 158 -0.54 -11.73 13.14
CA TYR B 158 -0.88 -12.08 14.51
C TYR B 158 -0.94 -10.81 15.34
N GLU B 159 -1.88 -10.77 16.29
CA GLU B 159 -1.90 -9.76 17.32
C GLU B 159 -2.26 -10.39 18.66
N SER B 160 -1.88 -9.71 19.73
CA SER B 160 -2.39 -10.07 21.05
C SER B 160 -2.14 -8.89 22.00
N PHE B 161 -2.82 -8.95 23.14
CA PHE B 161 -2.84 -7.87 24.10
C PHE B 161 -2.28 -8.40 25.40
N ILE B 162 -1.23 -7.76 25.90
CA ILE B 162 -0.37 -8.31 26.93
C ILE B 162 -0.33 -7.35 28.11
N TYR B 163 -0.48 -7.90 29.33
CA TYR B 163 -0.25 -7.16 30.56
C TYR B 163 1.00 -7.71 31.22
N GLU B 164 1.91 -6.83 31.63
CA GLU B 164 3.08 -7.27 32.40
C GLU B 164 3.61 -6.11 33.21
N ASP B 165 3.73 -6.31 34.53
CA ASP B 165 4.39 -5.38 35.43
C ASP B 165 3.76 -3.98 35.40
N ASP B 166 2.44 -3.94 35.58
CA ASP B 166 1.66 -2.70 35.61
C ASP B 166 1.70 -1.92 34.29
N HIS B 167 1.78 -2.61 33.16
CA HIS B 167 1.73 -1.94 31.86
C HIS B 167 1.06 -2.87 30.86
N TYR B 168 0.43 -2.27 29.86
CA TYR B 168 -0.12 -3.02 28.73
C TYR B 168 0.80 -2.89 27.53
N TYR B 169 0.79 -3.92 26.70
CA TYR B 169 1.66 -3.96 25.53
C TYR B 169 0.87 -4.50 24.35
N TRP B 170 1.16 -3.96 23.17
CA TRP B 170 0.43 -4.30 21.96
C TRP B 170 1.36 -5.10 21.05
N LEU B 171 1.01 -6.36 20.81
CA LEU B 171 1.81 -7.25 19.98
C LEU B 171 1.19 -7.38 18.59
N ILE B 172 1.97 -7.09 17.55
CA ILE B 172 1.49 -7.18 16.17
C ILE B 172 2.60 -7.74 15.29
N GLU B 173 2.28 -8.75 14.49
CA GLU B 173 3.23 -9.35 13.56
C GLU B 173 2.79 -9.10 12.12
N ILE B 174 3.69 -8.53 11.31
CA ILE B 174 3.40 -8.13 9.95
C ILE B 174 4.21 -8.98 8.97
N ASN B 175 3.53 -9.60 8.01
CA ASN B 175 4.18 -10.39 6.97
C ASN B 175 4.09 -9.66 5.64
N LYS B 176 5.23 -9.16 5.15
CA LYS B 176 5.20 -8.34 3.95
C LYS B 176 4.90 -9.13 2.68
N ASN B 177 5.14 -10.44 2.69
CA ASN B 177 4.95 -11.28 1.50
C ASN B 177 3.57 -11.88 1.43
N LYS B 178 2.64 -11.39 2.23
CA LYS B 178 1.24 -11.73 2.06
C LYS B 178 0.43 -10.44 2.08
N TYR B 179 -0.76 -10.50 1.53
CA TYR B 179 -1.61 -9.31 1.38
C TYR B 179 -2.36 -9.02 2.67
N SER B 180 -2.73 -7.76 2.85
CA SER B 180 -3.57 -7.39 3.98
C SER B 180 -4.94 -8.04 3.89
N ASP B 181 -5.46 -8.49 5.05
CA ASP B 181 -6.88 -8.74 5.20
C ASP B 181 -7.66 -7.44 5.00
N HIS B 182 -8.90 -7.57 4.53
CA HIS B 182 -9.74 -6.40 4.30
C HIS B 182 -10.39 -5.97 5.61
N LEU B 183 -9.57 -5.39 6.49
CA LEU B 183 -10.01 -5.02 7.83
C LEU B 183 -11.16 -4.04 7.79
N GLU B 184 -12.18 -4.30 8.59
CA GLU B 184 -13.20 -3.30 8.85
C GLU B 184 -12.57 -2.08 9.52
N GLU B 185 -13.30 -0.97 9.52
CA GLU B 185 -12.75 0.25 10.10
C GLU B 185 -12.48 0.09 11.61
N LEU B 186 -13.42 -0.50 12.35
CA LEU B 186 -13.19 -0.69 13.79
C LEU B 186 -12.04 -1.67 14.06
N GLU B 187 -11.72 -2.54 13.10
CA GLU B 187 -10.62 -3.47 13.27
C GLU B 187 -9.28 -2.79 13.10
N ILE B 188 -9.17 -1.84 12.16
CA ILE B 188 -7.96 -1.04 12.08
C ILE B 188 -7.75 -0.30 13.38
N GLU B 189 -8.86 0.08 14.03
CA GLU B 189 -8.80 0.89 15.23
C GLU B 189 -8.33 0.10 16.44
N PHE B 190 -8.93 -1.07 16.67
CA PHE B 190 -8.74 -1.79 17.91
C PHE B 190 -8.21 -3.20 17.74
N GLY B 191 -8.07 -3.68 16.51
CA GLY B 191 -7.54 -5.02 16.26
C GLY B 191 -8.57 -5.91 15.60
N SER B 192 -8.11 -6.78 14.71
CA SER B 192 -9.00 -7.72 14.05
C SER B 192 -9.76 -8.59 15.06
N LYS B 193 -11.06 -8.79 14.79
CA LYS B 193 -11.87 -9.73 15.55
C LYS B 193 -11.20 -11.10 15.66
N GLN B 194 -10.49 -11.51 14.60
CA GLN B 194 -9.81 -12.79 14.57
C GLN B 194 -8.85 -12.99 15.75
N PHE B 195 -8.24 -11.92 16.26
CA PHE B 195 -7.25 -12.04 17.33
C PHE B 195 -7.78 -11.66 18.70
N PHE B 196 -8.92 -10.98 18.79
CA PHE B 196 -9.40 -10.48 20.08
C PHE B 196 -10.83 -10.86 20.38
N ASN B 197 -11.43 -11.73 19.58
CA ASN B 197 -12.73 -12.28 19.91
C ASN B 197 -12.73 -12.90 21.31
N LYS B 198 -13.65 -12.43 22.16
CA LYS B 198 -13.83 -12.93 23.51
C LYS B 198 -12.61 -12.73 24.41
N ASN B 199 -11.67 -11.87 24.04
CA ASN B 199 -10.51 -11.61 24.89
C ASN B 199 -10.94 -10.73 26.07
N SER B 200 -11.14 -11.34 27.24
CA SER B 200 -11.67 -10.59 28.38
C SER B 200 -10.65 -9.65 28.99
N LEU B 201 -9.35 -9.91 28.82
CA LEU B 201 -8.36 -8.93 29.25
C LEU B 201 -8.47 -7.64 28.43
N TYR B 202 -8.55 -7.77 27.10
CA TYR B 202 -8.68 -6.59 26.25
C TYR B 202 -9.99 -5.86 26.52
N ILE B 203 -11.11 -6.60 26.49
CA ILE B 203 -12.42 -6.02 26.77
C ILE B 203 -12.39 -5.21 28.06
N SER B 204 -11.74 -5.74 29.11
CA SER B 204 -11.69 -5.01 30.37
C SER B 204 -10.85 -3.74 30.26
N TYR B 205 -9.74 -3.80 29.52
CA TYR B 205 -8.94 -2.60 29.27
C TYR B 205 -9.76 -1.54 28.54
N LEU B 206 -10.61 -1.98 27.61
CA LEU B 206 -11.36 -1.04 26.80
C LEU B 206 -12.47 -0.39 27.62
N GLU B 207 -13.14 -1.19 28.47
CA GLU B 207 -14.15 -0.64 29.36
C GLU B 207 -13.55 0.35 30.34
N ASN B 208 -12.31 0.13 30.76
CA ASN B 208 -11.64 1.13 31.59
C ASN B 208 -11.30 2.39 30.80
N GLU B 209 -11.08 2.25 29.49
CA GLU B 209 -10.85 3.41 28.63
C GLU B 209 -12.10 4.28 28.55
N ILE B 210 -13.27 3.65 28.45
CA ILE B 210 -14.52 4.42 28.42
C ILE B 210 -14.73 5.15 29.74
N SER B 211 -14.39 4.49 30.86
CA SER B 211 -14.47 5.14 32.16
C SER B 211 -13.65 6.41 32.19
N ASN B 212 -12.41 6.34 31.72
CA ASN B 212 -11.53 7.49 31.81
C ASN B 212 -12.06 8.64 30.95
N LEU B 213 -12.58 8.31 29.78
CA LEU B 213 -13.09 9.34 28.88
C LEU B 213 -14.38 9.94 29.42
N THR B 214 -15.22 9.11 30.04
CA THR B 214 -16.43 9.64 30.66
C THR B 214 -16.09 10.67 31.74
N LYS B 215 -15.02 10.44 32.50
CA LYS B 215 -14.55 11.43 33.45
C LYS B 215 -14.28 12.76 32.76
N ILE B 216 -13.65 12.70 31.59
CA ILE B 216 -13.30 13.91 30.85
C ILE B 216 -14.53 14.63 30.33
N LEU B 217 -15.51 13.88 29.81
CA LEU B 217 -16.72 14.53 29.32
C LEU B 217 -17.46 15.23 30.44
N ASN B 218 -17.27 14.79 31.69
CA ASN B 218 -17.87 15.46 32.82
C ASN B 218 -17.04 16.61 33.32
N GLN B 219 -15.97 16.97 32.59
CA GLN B 219 -15.14 18.10 32.98
C GLN B 219 -14.97 19.18 31.93
N ILE B 220 -15.15 18.87 30.65
CA ILE B 220 -14.87 19.84 29.60
C ILE B 220 -16.18 20.49 29.15
N ASN B 221 -16.05 21.68 28.59
CA ASN B 221 -17.22 22.39 28.06
C ASN B 221 -17.76 21.67 26.84
N PRO B 222 -19.06 21.38 26.77
CA PRO B 222 -19.62 20.72 25.58
C PRO B 222 -19.43 21.48 24.28
N ASN B 223 -19.11 22.78 24.33
CA ASN B 223 -18.84 23.50 23.08
C ASN B 223 -17.37 23.36 22.65
N ASN B 224 -16.53 22.74 23.47
CA ASN B 224 -15.21 22.35 23.04
C ASN B 224 -15.31 21.29 21.94
N ILE B 225 -14.48 21.44 20.91
CA ILE B 225 -14.48 20.45 19.84
C ILE B 225 -14.05 19.08 20.38
N LYS B 226 -13.22 19.05 21.42
CA LYS B 226 -12.75 17.77 21.99
C LYS B 226 -13.91 16.95 22.55
N TYR B 227 -14.93 17.62 23.09
CA TYR B 227 -16.12 16.92 23.57
C TYR B 227 -16.70 16.06 22.46
N LEU B 228 -16.70 16.56 21.24
CA LEU B 228 -17.19 15.78 20.10
C LEU B 228 -16.31 14.56 19.83
N GLU B 229 -14.98 14.75 19.80
CA GLU B 229 -14.09 13.61 19.55
C GLU B 229 -14.33 12.52 20.58
N ILE B 230 -14.19 12.88 21.86
CA ILE B 230 -14.27 11.90 22.95
C ILE B 230 -15.55 11.10 22.86
N GLN B 231 -16.68 11.81 22.77
CA GLN B 231 -17.95 11.13 22.59
C GLN B 231 -17.91 10.14 21.42
N ASN B 232 -17.30 10.55 20.29
CA ASN B 232 -17.19 9.65 19.15
C ASN B 232 -16.32 8.45 19.49
N ARG B 233 -15.18 8.68 20.14
CA ARG B 233 -14.31 7.58 20.53
C ARG B 233 -15.05 6.54 21.37
N ILE B 234 -15.80 7.01 22.39
CA ILE B 234 -16.50 6.10 23.31
C ILE B 234 -17.49 5.24 22.54
N ASN B 235 -18.21 5.82 21.59
CA ASN B 235 -19.13 5.02 20.80
C ASN B 235 -18.39 4.00 19.92
N LYS B 236 -17.25 4.40 19.35
CA LYS B 236 -16.42 3.44 18.62
C LYS B 236 -16.00 2.28 19.52
N ILE B 237 -15.53 2.58 20.74
CA ILE B 237 -15.08 1.53 21.64
C ILE B 237 -16.24 0.59 21.97
N ARG B 238 -17.41 1.14 22.27
CA ARG B 238 -18.52 0.28 22.66
C ARG B 238 -18.99 -0.57 21.49
N LYS B 239 -18.98 -0.02 20.27
CA LYS B 239 -19.28 -0.83 19.10
C LYS B 239 -18.30 -1.98 18.97
N TYR B 240 -16.99 -1.67 19.06
CA TYR B 240 -15.98 -2.70 18.97
C TYR B 240 -16.16 -3.76 20.05
N ILE B 241 -16.38 -3.35 21.31
CA ILE B 241 -16.60 -4.32 22.38
C ILE B 241 -17.74 -5.25 22.04
N ASP B 242 -18.82 -4.71 21.45
CA ASP B 242 -19.95 -5.56 21.10
C ASP B 242 -19.57 -6.58 20.03
N VAL B 243 -18.63 -6.24 19.14
CA VAL B 243 -18.17 -7.19 18.13
C VAL B 243 -17.45 -8.38 18.77
N ILE B 244 -16.67 -8.16 19.83
CA ILE B 244 -15.83 -9.20 20.40
C ILE B 244 -16.32 -9.73 21.74
N ARG B 245 -17.33 -9.10 22.36
CA ARG B 245 -17.85 -9.49 23.69
C ARG B 245 -18.17 -10.97 23.77
#